data_4UZN
#
_entry.id   4UZN
#
_cell.length_a   121.190
_cell.length_b   121.190
_cell.length_c   77.280
_cell.angle_alpha   90.00
_cell.angle_beta   90.00
_cell.angle_gamma   90.00
#
_symmetry.space_group_name_H-M   'I 41 2 2'
#
loop_
_entity.id
_entity.type
_entity.pdbx_description
1 polymer 'ENDO-BETA-1,4-GLUCANASE (CELULASE B)'
2 water water
#
_entity_poly.entity_id   1
_entity_poly.type   'polypeptide(L)'
_entity_poly.pdbx_seq_one_letter_code
;MGSSHHHHHHSSGLVPRGSHMASYRTPVLQSTQGHVSNFSIPASFNGNSLATMEAVYVDGGNAGPQDWTSFKEFGYAFSP
SYDANEMKLTEAFFREVRDGEVRLTFHFWSGETVNYTIIKNGNQVTGIAA
;
_entity_poly.pdbx_strand_id   A,B
#
# COMPACT_ATOMS: atom_id res chain seq x y z
N THR A 26 -23.15 9.22 -2.13
CA THR A 26 -22.64 7.92 -2.69
C THR A 26 -21.31 8.13 -3.39
N PRO A 27 -20.35 7.23 -3.14
CA PRO A 27 -19.12 7.29 -3.90
C PRO A 27 -19.31 6.65 -5.29
N VAL A 28 -18.50 7.06 -6.25
CA VAL A 28 -18.64 6.56 -7.63
C VAL A 28 -17.30 6.04 -8.12
N LEU A 29 -17.31 4.92 -8.80
CA LEU A 29 -16.05 4.32 -9.23
C LEU A 29 -16.06 4.23 -10.72
N GLN A 30 -14.88 4.13 -11.31
CA GLN A 30 -14.77 4.03 -12.73
C GLN A 30 -13.98 2.84 -13.19
N SER A 31 -14.28 2.50 -14.44
CA SER A 31 -13.62 1.43 -15.13
C SER A 31 -12.19 1.81 -15.37
N THR A 32 -11.34 0.78 -15.40
CA THR A 32 -9.92 0.96 -15.50
C THR A 32 -9.23 -0.32 -16.04
N GLN A 33 -7.92 -0.22 -16.33
CA GLN A 33 -7.10 -1.35 -16.76
C GLN A 33 -5.76 -1.16 -16.09
N GLY A 34 -5.19 -2.23 -15.53
CA GLY A 34 -3.83 -2.13 -15.03
C GLY A 34 -3.12 -3.45 -14.87
N HIS A 35 -1.94 -3.37 -14.26
CA HIS A 35 -1.06 -4.51 -14.01
C HIS A 35 -1.25 -4.88 -12.53
N VAL A 36 -1.19 -6.17 -12.21
CA VAL A 36 -1.34 -6.65 -10.79
C VAL A 36 -0.48 -5.91 -9.75
N SER A 37 0.76 -5.62 -10.14
CA SER A 37 1.68 -4.87 -9.29
C SER A 37 1.36 -3.40 -9.08
N ASN A 38 0.47 -2.80 -9.84
CA ASN A 38 0.19 -1.40 -9.67
C ASN A 38 -1.23 -1.03 -10.07
N PHE A 39 -2.19 -1.64 -9.40
CA PHE A 39 -3.58 -1.48 -9.75
C PHE A 39 -4.34 -0.63 -8.78
N SER A 40 -5.01 0.38 -9.32
CA SER A 40 -5.83 1.31 -8.52
C SER A 40 -7.06 1.73 -9.30
N ILE A 41 -8.19 1.81 -8.61
CA ILE A 41 -9.46 2.19 -9.21
C ILE A 41 -9.68 3.65 -8.94
N PRO A 42 -9.92 4.44 -10.01
CA PRO A 42 -10.36 5.83 -9.88
C PRO A 42 -11.61 5.89 -9.02
N ALA A 43 -11.53 6.64 -7.92
CA ALA A 43 -12.58 6.69 -6.92
C ALA A 43 -12.99 8.13 -6.60
N SER A 44 -14.29 8.45 -6.71
CA SER A 44 -14.81 9.68 -6.10
C SER A 44 -15.47 9.35 -4.79
N PHE A 45 -14.75 9.66 -3.71
CA PHE A 45 -15.18 9.23 -2.39
C PHE A 45 -16.35 10.07 -1.95
N ASN A 46 -16.35 11.32 -2.43
CA ASN A 46 -17.39 12.32 -2.15
C ASN A 46 -17.66 12.42 -0.65
N GLY A 47 -16.60 12.32 0.15
CA GLY A 47 -16.74 12.45 1.58
C GLY A 47 -17.13 11.19 2.32
N ASN A 48 -17.32 10.05 1.63
CA ASN A 48 -17.47 8.77 2.36
C ASN A 48 -16.11 8.29 2.81
N SER A 49 -16.13 7.29 3.68
CA SER A 49 -14.92 6.70 4.23
C SER A 49 -15.06 5.19 4.20
N LEU A 50 -14.00 4.51 3.76
CA LEU A 50 -14.08 3.07 3.49
C LEU A 50 -13.98 2.25 4.78
N ALA A 51 -14.98 1.41 5.02
CA ALA A 51 -15.00 0.52 6.17
C ALA A 51 -14.31 -0.79 5.80
N THR A 52 -14.83 -1.49 4.79
CA THR A 52 -14.16 -2.72 4.32
C THR A 52 -14.56 -3.13 2.91
N MET A 53 -14.01 -4.21 2.41
CA MET A 53 -14.29 -4.67 1.06
C MET A 53 -14.37 -6.17 1.04
N GLU A 54 -15.39 -6.67 0.35
CA GLU A 54 -15.50 -8.10 0.03
C GLU A 54 -15.10 -8.42 -1.38
N ALA A 55 -14.57 -9.62 -1.57
CA ALA A 55 -14.21 -10.14 -2.87
C ALA A 55 -14.73 -11.54 -2.99
N VAL A 56 -15.57 -11.78 -3.97
CA VAL A 56 -15.99 -13.14 -4.28
C VAL A 56 -15.98 -13.34 -5.79
N TYR A 57 -15.82 -14.59 -6.19
CA TYR A 57 -15.92 -14.97 -7.58
C TYR A 57 -17.39 -14.97 -8.01
N VAL A 58 -17.68 -14.74 -9.29
CA VAL A 58 -19.08 -14.92 -9.76
C VAL A 58 -19.48 -16.39 -9.76
N ASP A 59 -18.51 -17.26 -10.03
CA ASP A 59 -18.56 -18.72 -9.70
C ASP A 59 -19.21 -19.01 -8.33
N GLY A 60 -18.93 -18.16 -7.35
CA GLY A 60 -19.09 -18.53 -5.96
C GLY A 60 -17.72 -18.97 -5.47
N GLY A 61 -17.42 -18.60 -4.22
CA GLY A 61 -16.09 -18.72 -3.68
C GLY A 61 -15.65 -17.37 -3.17
N ASN A 62 -14.96 -17.37 -2.04
CA ASN A 62 -14.30 -16.19 -1.57
C ASN A 62 -13.02 -16.08 -2.33
N ALA A 63 -12.79 -14.91 -2.90
CA ALA A 63 -11.62 -14.65 -3.69
C ALA A 63 -10.69 -13.86 -2.81
N GLY A 64 -9.41 -13.85 -3.16
CA GLY A 64 -8.40 -13.07 -2.43
C GLY A 64 -7.75 -13.79 -1.25
N PRO A 65 -6.81 -13.13 -0.56
CA PRO A 65 -6.21 -13.69 0.65
C PRO A 65 -7.27 -13.95 1.74
N GLN A 66 -7.11 -15.08 2.45
CA GLN A 66 -8.04 -15.59 3.47
C GLN A 66 -9.35 -16.12 2.87
N ASP A 67 -9.25 -17.29 2.25
CA ASP A 67 -10.38 -17.94 1.60
C ASP A 67 -11.57 -18.18 2.51
N TRP A 68 -11.38 -18.01 3.82
CA TRP A 68 -12.39 -18.38 4.81
C TRP A 68 -13.37 -17.23 5.11
N THR A 69 -13.10 -16.03 4.57
CA THR A 69 -14.07 -14.93 4.64
C THR A 69 -14.12 -14.11 3.35
N SER A 70 -15.32 -13.68 3.00
CA SER A 70 -15.53 -12.82 1.81
C SER A 70 -14.88 -11.46 2.04
N PHE A 71 -14.95 -10.99 3.29
CA PHE A 71 -14.29 -9.75 3.72
C PHE A 71 -12.76 -9.88 3.79
N LYS A 72 -12.08 -9.01 3.02
CA LYS A 72 -10.65 -8.96 2.92
C LYS A 72 -10.03 -7.96 3.90
N GLU A 73 -8.72 -8.00 4.01
CA GLU A 73 -8.03 -7.32 5.10
C GLU A 73 -7.64 -5.90 4.71
N PHE A 74 -8.21 -4.93 5.41
CA PHE A 74 -7.82 -3.53 5.26
C PHE A 74 -6.30 -3.35 5.38
N GLY A 75 -5.69 -2.61 4.46
CA GLY A 75 -4.25 -2.37 4.52
C GLY A 75 -3.53 -3.32 3.59
N TYR A 76 -3.64 -4.61 3.85
CA TYR A 76 -2.85 -5.62 3.17
C TYR A 76 -3.36 -5.98 1.78
N ALA A 77 -4.67 -6.18 1.69
CA ALA A 77 -5.29 -6.53 0.42
C ALA A 77 -5.72 -5.28 -0.38
N PHE A 78 -6.20 -4.27 0.32
CA PHE A 78 -6.67 -3.06 -0.32
C PHE A 78 -6.43 -1.85 0.58
N SER A 79 -6.57 -0.67 0.00
CA SER A 79 -6.54 0.54 0.79
C SER A 79 -7.03 1.75 -0.01
N PRO A 80 -7.80 2.62 0.62
CA PRO A 80 -8.26 3.80 -0.12
C PRO A 80 -7.24 4.92 -0.09
N SER A 81 -6.80 5.42 -1.23
CA SER A 81 -6.03 6.65 -1.24
C SER A 81 -6.96 7.87 -1.44
N TYR A 82 -7.38 8.47 -0.33
CA TYR A 82 -8.32 9.60 -0.33
C TYR A 82 -7.72 10.79 -1.03
N ASP A 83 -6.43 11.02 -0.77
CA ASP A 83 -5.72 12.13 -1.39
C ASP A 83 -5.79 12.03 -2.91
N ALA A 84 -5.56 10.84 -3.44
CA ALA A 84 -5.46 10.65 -4.89
C ALA A 84 -6.78 10.20 -5.54
N ASN A 85 -7.83 10.06 -4.75
CA ASN A 85 -9.12 9.60 -5.27
C ASN A 85 -8.96 8.24 -5.93
N GLU A 86 -8.54 7.26 -5.16
CA GLU A 86 -8.26 5.93 -5.68
C GLU A 86 -8.59 4.86 -4.69
N MET A 87 -8.78 3.66 -5.20
CA MET A 87 -8.81 2.45 -4.38
C MET A 87 -7.68 1.60 -4.84
N LYS A 88 -6.75 1.33 -3.95
CA LYS A 88 -5.62 0.49 -4.30
C LYS A 88 -5.99 -0.97 -4.06
N LEU A 89 -5.74 -1.82 -5.07
CA LEU A 89 -5.73 -3.28 -4.85
C LEU A 89 -4.31 -3.84 -4.97
N THR A 90 -3.83 -4.46 -3.89
CA THR A 90 -2.41 -4.79 -3.81
C THR A 90 -2.04 -5.99 -4.65
N GLU A 91 -0.79 -6.07 -5.04
CA GLU A 91 -0.25 -7.33 -5.60
C GLU A 91 -0.49 -8.62 -4.74
N ALA A 92 -0.39 -8.48 -3.41
CA ALA A 92 -0.74 -9.55 -2.47
C ALA A 92 -2.17 -10.06 -2.61
N PHE A 93 -3.08 -9.13 -2.88
CA PHE A 93 -4.47 -9.49 -3.12
C PHE A 93 -4.53 -10.33 -4.36
N PHE A 94 -3.87 -9.86 -5.41
CA PHE A 94 -3.96 -10.54 -6.69
C PHE A 94 -3.22 -11.85 -6.73
N ARG A 95 -2.11 -11.90 -6.01
CA ARG A 95 -1.34 -13.17 -5.84
C ARG A 95 -2.28 -14.29 -5.42
N GLU A 96 -3.30 -14.01 -4.61
CA GLU A 96 -4.29 -15.05 -4.22
C GLU A 96 -5.67 -14.99 -4.93
N VAL A 97 -5.68 -14.50 -6.17
CA VAL A 97 -6.89 -14.52 -7.00
C VAL A 97 -6.67 -15.40 -8.21
N ARG A 98 -7.52 -16.41 -8.35
CA ARG A 98 -7.46 -17.29 -9.49
C ARG A 98 -8.03 -16.55 -10.71
N ASP A 99 -7.38 -16.71 -11.87
CA ASP A 99 -7.77 -15.95 -13.06
C ASP A 99 -9.25 -16.07 -13.29
N GLY A 100 -9.87 -14.96 -13.66
CA GLY A 100 -11.28 -14.94 -14.02
C GLY A 100 -11.92 -13.68 -13.51
N GLU A 101 -13.16 -13.82 -13.04
CA GLU A 101 -14.02 -12.70 -12.74
C GLU A 101 -14.37 -12.62 -11.26
N VAL A 102 -14.22 -11.44 -10.64
CA VAL A 102 -14.44 -11.25 -9.20
C VAL A 102 -15.35 -10.04 -8.97
N ARG A 103 -16.40 -10.25 -8.18
CA ARG A 103 -17.23 -9.16 -7.73
C ARG A 103 -16.68 -8.59 -6.43
N LEU A 104 -16.40 -7.30 -6.47
CA LEU A 104 -16.04 -6.58 -5.29
C LEU A 104 -17.26 -5.91 -4.71
N THR A 105 -17.25 -5.79 -3.39
CA THR A 105 -18.27 -5.02 -2.72
C THR A 105 -17.61 -4.16 -1.66
N PHE A 106 -17.69 -2.86 -1.87
CA PHE A 106 -17.07 -1.88 -1.00
C PHE A 106 -18.06 -1.31 -0.01
N HIS A 107 -17.72 -1.45 1.28
CA HIS A 107 -18.56 -1.01 2.40
C HIS A 107 -17.98 0.25 3.00
N PHE A 108 -18.81 1.30 3.09
CA PHE A 108 -18.43 2.57 3.70
C PHE A 108 -19.12 2.78 5.07
N TRP A 109 -18.53 3.58 5.94
CA TRP A 109 -19.13 3.83 7.26
C TRP A 109 -20.49 4.51 7.14
N SER A 110 -20.68 5.30 6.10
CA SER A 110 -22.00 5.89 5.82
C SER A 110 -23.12 4.85 5.67
N GLY A 111 -22.79 3.56 5.69
CA GLY A 111 -23.77 2.48 5.58
C GLY A 111 -23.79 1.87 4.19
N GLU A 112 -23.73 2.72 3.16
CA GLU A 112 -23.94 2.25 1.79
C GLU A 112 -22.76 1.48 1.24
N THR A 113 -23.06 0.60 0.28
CA THR A 113 -22.07 -0.16 -0.45
C THR A 113 -22.02 0.16 -1.95
N VAL A 114 -20.98 -0.33 -2.61
CA VAL A 114 -20.78 -0.17 -4.04
C VAL A 114 -20.06 -1.39 -4.60
N ASN A 115 -20.61 -1.92 -5.70
CA ASN A 115 -20.07 -3.09 -6.39
C ASN A 115 -19.19 -2.74 -7.55
N TYR A 116 -18.12 -3.50 -7.70
CA TYR A 116 -17.18 -3.30 -8.79
C TYR A 116 -16.87 -4.68 -9.33
N THR A 117 -16.20 -4.73 -10.47
CA THR A 117 -15.90 -5.98 -11.09
C THR A 117 -14.51 -5.93 -11.67
N ILE A 118 -13.67 -6.87 -11.24
CA ILE A 118 -12.37 -7.07 -11.86
C ILE A 118 -12.33 -8.37 -12.67
N ILE A 119 -11.57 -8.34 -13.77
CA ILE A 119 -11.29 -9.52 -14.55
C ILE A 119 -9.79 -9.63 -14.62
N LYS A 120 -9.26 -10.70 -14.05
CA LYS A 120 -7.84 -10.90 -13.97
C LYS A 120 -7.39 -11.93 -15.00
N ASN A 121 -6.32 -11.60 -15.68
CA ASN A 121 -5.88 -12.41 -16.75
C ASN A 121 -4.36 -12.38 -16.76
N GLY A 122 -3.74 -13.31 -16.01
CA GLY A 122 -2.31 -13.27 -15.77
C GLY A 122 -1.99 -12.06 -14.93
N ASN A 123 -1.07 -11.23 -15.41
CA ASN A 123 -0.80 -9.94 -14.78
C ASN A 123 -1.72 -8.81 -15.20
N GLN A 124 -2.63 -9.03 -16.14
CA GLN A 124 -3.54 -7.97 -16.56
C GLN A 124 -4.82 -8.04 -15.78
N VAL A 125 -5.37 -6.87 -15.50
CA VAL A 125 -6.59 -6.73 -14.77
C VAL A 125 -7.42 -5.60 -15.34
N THR A 126 -8.69 -5.87 -15.60
CA THR A 126 -9.58 -4.83 -16.05
C THR A 126 -10.65 -4.63 -15.02
N GLY A 127 -10.84 -3.40 -14.57
CA GLY A 127 -11.95 -3.06 -13.68
C GLY A 127 -13.15 -2.42 -14.41
N ILE A 128 -14.34 -2.77 -13.95
CA ILE A 128 -15.56 -2.40 -14.57
C ILE A 128 -16.55 -1.96 -13.51
N ALA A 129 -17.01 -0.71 -13.68
CA ALA A 129 -17.90 -0.09 -12.74
C ALA A 129 -19.28 -0.64 -12.99
N ALA A 130 -20.04 -0.85 -11.91
CA ALA A 130 -21.32 -1.57 -11.97
C ALA A 130 -22.46 -0.60 -11.79
N THR B 26 12.20 18.31 -6.26
CA THR B 26 11.99 17.60 -4.96
C THR B 26 10.94 16.51 -5.10
N PRO B 27 11.23 15.31 -4.54
CA PRO B 27 10.19 14.30 -4.44
C PRO B 27 9.21 14.55 -3.26
N VAL B 28 7.98 14.07 -3.37
CA VAL B 28 6.96 14.32 -2.34
C VAL B 28 6.34 12.99 -1.90
N LEU B 29 6.15 12.82 -0.60
CA LEU B 29 5.67 11.54 -0.10
C LEU B 29 4.40 11.79 0.62
N GLN B 30 3.59 10.76 0.71
CA GLN B 30 2.32 10.92 1.34
C GLN B 30 2.06 9.96 2.44
N SER B 31 1.13 10.38 3.29
CA SER B 31 0.69 9.62 4.42
C SER B 31 -0.07 8.43 3.92
N THR B 32 0.02 7.34 4.70
CA THR B 32 -0.50 6.06 4.30
C THR B 32 -0.74 5.18 5.51
N GLN B 33 -1.36 4.03 5.30
CA GLN B 33 -1.61 3.05 6.36
C GLN B 33 -1.52 1.65 5.75
N GLY B 34 -0.74 0.76 6.34
CA GLY B 34 -0.60 -0.57 5.78
C GLY B 34 -0.11 -1.63 6.73
N HIS B 35 0.27 -2.76 6.14
CA HIS B 35 0.63 -3.97 6.84
C HIS B 35 2.14 -4.25 6.66
N VAL B 36 2.82 -4.72 7.70
CA VAL B 36 4.27 -5.00 7.64
C VAL B 36 4.76 -5.82 6.43
N SER B 37 3.98 -6.83 6.07
CA SER B 37 4.31 -7.66 4.94
C SER B 37 4.34 -6.95 3.61
N ASN B 38 3.63 -5.87 3.37
CA ASN B 38 3.69 -5.27 2.02
C ASN B 38 3.42 -3.81 2.07
N PHE B 39 4.24 -3.11 2.81
CA PHE B 39 4.01 -1.72 3.08
C PHE B 39 4.75 -0.92 2.05
N SER B 40 4.07 0.08 1.49
CA SER B 40 4.63 0.98 0.52
C SER B 40 4.15 2.40 0.75
N ILE B 41 5.04 3.36 0.57
CA ILE B 41 4.70 4.77 0.66
C ILE B 41 4.48 5.32 -0.73
N PRO B 42 3.32 5.97 -0.95
CA PRO B 42 3.07 6.69 -2.19
C PRO B 42 4.13 7.74 -2.38
N ALA B 43 4.83 7.63 -3.50
CA ALA B 43 5.99 8.48 -3.78
C ALA B 43 5.84 9.17 -5.12
N SER B 44 5.96 10.50 -5.13
CA SER B 44 6.19 11.21 -6.39
C SER B 44 7.69 11.51 -6.52
N PHE B 45 8.36 10.69 -7.32
CA PHE B 45 9.82 10.74 -7.40
C PHE B 45 10.20 11.99 -8.16
N ASN B 46 9.31 12.37 -9.08
CA ASN B 46 9.48 13.51 -9.95
C ASN B 46 10.78 13.17 -10.67
N GLY B 47 11.79 14.00 -10.60
CA GLY B 47 13.02 13.69 -11.34
C GLY B 47 13.94 12.70 -10.64
N ASN B 48 13.70 12.42 -9.37
CA ASN B 48 14.80 11.95 -8.52
C ASN B 48 15.01 10.46 -8.51
N SER B 49 16.16 10.06 -7.98
CA SER B 49 16.53 8.67 -7.89
C SER B 49 17.07 8.42 -6.50
N LEU B 50 16.65 7.33 -5.88
CA LEU B 50 16.98 7.07 -4.47
C LEU B 50 18.38 6.53 -4.28
N ALA B 51 19.16 7.21 -3.44
CA ALA B 51 20.51 6.80 -3.12
C ALA B 51 20.49 5.87 -1.90
N THR B 52 19.99 6.37 -0.77
CA THR B 52 19.79 5.51 0.41
C THR B 52 18.74 6.03 1.41
N MET B 53 18.52 5.29 2.50
CA MET B 53 17.54 5.69 3.50
C MET B 53 18.08 5.37 4.89
N GLU B 54 17.91 6.34 5.80
CA GLU B 54 18.15 6.12 7.23
C GLU B 54 16.87 5.91 8.00
N ALA B 55 16.97 5.11 9.05
CA ALA B 55 15.89 4.86 9.98
C ALA B 55 16.40 5.01 11.40
N VAL B 56 15.83 5.93 12.16
CA VAL B 56 16.14 6.02 13.59
C VAL B 56 14.87 6.21 14.38
N TYR B 57 14.90 5.80 15.63
CA TYR B 57 13.79 6.03 16.54
C TYR B 57 13.78 7.49 16.99
N VAL B 58 12.63 8.04 17.36
CA VAL B 58 12.65 9.39 17.95
C VAL B 58 13.26 9.38 19.35
N ASP B 59 13.07 8.27 20.07
CA ASP B 59 13.90 7.89 21.27
C ASP B 59 15.40 8.20 21.10
N GLY B 60 15.92 7.99 19.88
CA GLY B 60 17.35 7.82 19.70
C GLY B 60 17.60 6.31 19.66
N GLY B 61 18.49 5.91 18.77
CA GLY B 61 18.66 4.52 18.41
C GLY B 61 18.51 4.39 16.90
N ASN B 62 19.35 3.55 16.33
CA ASN B 62 19.18 3.17 14.96
C ASN B 62 18.10 2.13 14.94
N ALA B 63 17.14 2.31 14.07
CA ALA B 63 16.05 1.39 13.92
C ALA B 63 16.34 0.56 12.71
N GLY B 64 15.70 -0.60 12.61
CA GLY B 64 15.80 -1.47 11.43
C GLY B 64 16.96 -2.44 11.50
N PRO B 65 17.11 -3.28 10.45
CA PRO B 65 18.24 -4.23 10.37
C PRO B 65 19.59 -3.51 10.35
N GLN B 66 20.56 -4.06 11.08
CA GLN B 66 21.89 -3.49 11.31
C GLN B 66 21.85 -2.29 12.25
N ASP B 67 21.69 -2.59 13.54
CA ASP B 67 21.61 -1.58 14.59
C ASP B 67 22.83 -0.69 14.66
N TRP B 68 23.89 -1.05 13.95
CA TRP B 68 25.18 -0.34 14.08
C TRP B 68 25.29 0.85 13.11
N THR B 69 24.33 1.00 12.20
CA THR B 69 24.27 2.20 11.36
C THR B 69 22.83 2.68 11.17
N SER B 70 22.68 3.99 11.10
CA SER B 70 21.37 4.62 10.79
C SER B 70 20.94 4.29 9.37
N PHE B 71 21.91 4.25 8.46
CA PHE B 71 21.71 3.89 7.04
C PHE B 71 21.42 2.42 6.83
N LYS B 72 20.25 2.15 6.22
CA LYS B 72 19.77 0.79 5.99
C LYS B 72 20.14 0.29 4.60
N GLU B 73 19.91 -0.99 4.36
CA GLU B 73 20.45 -1.66 3.20
C GLU B 73 19.51 -1.60 2.00
N PHE B 74 19.96 -0.94 0.94
CA PHE B 74 19.24 -0.92 -0.35
C PHE B 74 18.89 -2.35 -0.78
N GLY B 75 17.64 -2.58 -1.17
CA GLY B 75 17.22 -3.87 -1.65
C GLY B 75 16.52 -4.65 -0.56
N TYR B 76 17.25 -4.94 0.51
CA TYR B 76 16.80 -5.86 1.54
C TYR B 76 15.82 -5.19 2.52
N ALA B 77 16.13 -3.96 2.93
CA ALA B 77 15.28 -3.22 3.86
C ALA B 77 14.23 -2.36 3.14
N PHE B 78 14.63 -1.77 2.02
CA PHE B 78 13.76 -0.86 1.28
C PHE B 78 14.07 -0.95 -0.20
N SER B 79 13.20 -0.38 -1.01
CA SER B 79 13.47 -0.25 -2.43
C SER B 79 12.45 0.65 -3.11
N PRO B 80 12.91 1.51 -4.01
CA PRO B 80 11.96 2.38 -4.68
C PRO B 80 11.34 1.68 -5.88
N SER B 81 10.02 1.61 -5.94
CA SER B 81 9.36 1.19 -7.17
C SER B 81 9.00 2.42 -8.03
N TYR B 82 9.89 2.77 -8.94
CA TYR B 82 9.75 3.95 -9.79
C TYR B 82 8.54 3.79 -10.68
N ASP B 83 8.37 2.57 -11.19
CA ASP B 83 7.25 2.23 -12.05
C ASP B 83 5.93 2.55 -11.34
N ALA B 84 5.80 2.17 -10.08
CA ALA B 84 4.54 2.31 -9.36
C ALA B 84 4.45 3.57 -8.50
N ASN B 85 5.49 4.40 -8.51
CA ASN B 85 5.51 5.59 -7.66
C ASN B 85 5.34 5.22 -6.19
N GLU B 86 6.29 4.43 -5.70
CA GLU B 86 6.22 3.93 -4.34
C GLU B 86 7.58 3.78 -3.73
N MET B 87 7.60 3.78 -2.41
CA MET B 87 8.75 3.35 -1.66
C MET B 87 8.35 2.12 -0.89
N LYS B 88 8.99 1.00 -1.17
CA LYS B 88 8.69 -0.24 -0.49
CA LYS B 88 8.69 -0.24 -0.49
C LYS B 88 9.52 -0.33 0.79
N LEU B 89 8.85 -0.63 1.91
CA LEU B 89 9.55 -1.04 3.13
C LEU B 89 9.26 -2.52 3.42
N THR B 90 10.32 -3.32 3.47
CA THR B 90 10.16 -4.78 3.50
C THR B 90 9.81 -5.35 4.84
N GLU B 91 9.20 -6.52 4.85
CA GLU B 91 8.96 -7.22 6.12
C GLU B 91 10.21 -7.45 6.99
N ALA B 92 11.33 -7.71 6.33
CA ALA B 92 12.64 -7.83 6.97
C ALA B 92 13.01 -6.59 7.73
N PHE B 93 12.66 -5.43 7.16
CA PHE B 93 12.92 -4.15 7.79
C PHE B 93 12.12 -4.10 9.07
N PHE B 94 10.84 -4.42 8.95
CA PHE B 94 9.93 -4.27 10.08
C PHE B 94 10.19 -5.33 11.15
N ARG B 95 10.59 -6.53 10.73
CA ARG B 95 10.99 -7.57 11.68
CA ARG B 95 10.99 -7.57 11.69
C ARG B 95 12.01 -7.05 12.69
N GLU B 96 12.91 -6.16 12.27
CA GLU B 96 13.87 -5.56 13.22
C GLU B 96 13.55 -4.13 13.70
N VAL B 97 12.26 -3.78 13.74
CA VAL B 97 11.80 -2.51 14.29
C VAL B 97 10.96 -2.77 15.52
N ARG B 98 11.38 -2.20 16.64
CA ARG B 98 10.63 -2.29 17.86
C ARG B 98 9.43 -1.35 17.77
N ASP B 99 8.27 -1.79 18.26
CA ASP B 99 7.04 -1.04 18.14
C ASP B 99 7.25 0.38 18.62
N GLY B 100 6.71 1.34 17.85
CA GLY B 100 6.75 2.75 18.21
C GLY B 100 6.93 3.61 16.98
N GLU B 101 7.74 4.65 17.14
CA GLU B 101 7.86 5.73 16.19
C GLU B 101 9.27 5.81 15.60
N VAL B 102 9.36 5.88 14.27
CA VAL B 102 10.65 5.90 13.57
C VAL B 102 10.69 7.03 12.54
N ARG B 103 11.77 7.82 12.60
CA ARG B 103 12.02 8.82 11.60
C ARG B 103 12.84 8.23 10.47
N LEU B 104 12.27 8.30 9.28
CA LEU B 104 12.98 7.96 8.09
C LEU B 104 13.60 9.21 7.45
N THR B 105 14.74 9.00 6.80
CA THR B 105 15.35 10.03 6.02
C THR B 105 15.80 9.44 4.71
N PHE B 106 15.20 9.91 3.64
CA PHE B 106 15.48 9.42 2.29
C PHE B 106 16.44 10.33 1.54
N HIS B 107 17.54 9.74 1.10
CA HIS B 107 18.63 10.46 0.41
C HIS B 107 18.57 10.12 -1.09
N PHE B 108 18.51 11.17 -1.91
CA PHE B 108 18.50 11.03 -3.38
C PHE B 108 19.82 11.50 -4.00
N TRP B 109 20.16 10.97 -5.18
CA TRP B 109 21.40 11.37 -5.85
C TRP B 109 21.41 12.87 -6.18
N SER B 110 20.24 13.47 -6.44
CA SER B 110 20.13 14.92 -6.65
C SER B 110 20.64 15.74 -5.46
N GLY B 111 21.03 15.09 -4.37
CA GLY B 111 21.58 15.78 -3.19
C GLY B 111 20.58 15.87 -2.06
N GLU B 112 19.34 16.20 -2.40
CA GLU B 112 18.35 16.52 -1.38
C GLU B 112 17.82 15.30 -0.65
N THR B 113 17.36 15.53 0.58
CA THR B 113 16.71 14.50 1.39
C THR B 113 15.25 14.82 1.71
N VAL B 114 14.56 13.80 2.23
CA VAL B 114 13.15 13.92 2.63
C VAL B 114 12.88 13.01 3.83
N ASN B 115 12.25 13.57 4.86
CA ASN B 115 11.87 12.89 6.09
C ASN B 115 10.48 12.37 6.08
N TYR B 116 10.30 11.18 6.64
CA TYR B 116 9.00 10.55 6.75
C TYR B 116 8.90 9.99 8.15
N THR B 117 7.72 9.54 8.55
CA THR B 117 7.51 9.04 9.89
C THR B 117 6.61 7.84 9.81
N ILE B 118 7.11 6.71 10.33
CA ILE B 118 6.25 5.54 10.51
C ILE B 118 5.97 5.29 11.99
N ILE B 119 4.77 4.76 12.27
CA ILE B 119 4.39 4.35 13.60
C ILE B 119 3.97 2.91 13.44
N LYS B 120 4.75 2.02 14.06
CA LYS B 120 4.51 0.61 13.96
C LYS B 120 3.81 0.09 15.20
N ASN B 121 2.79 -0.69 14.98
CA ASN B 121 2.01 -1.16 16.06
C ASN B 121 1.57 -2.58 15.73
N GLY B 122 2.40 -3.56 16.14
CA GLY B 122 2.20 -4.95 15.73
C GLY B 122 2.45 -5.06 14.25
N ASN B 123 1.50 -5.61 13.52
CA ASN B 123 1.53 -5.61 12.06
C ASN B 123 1.02 -4.34 11.39
N GLN B 124 0.47 -3.40 12.15
CA GLN B 124 -0.06 -2.19 11.58
C GLN B 124 1.01 -1.14 11.56
N VAL B 125 1.00 -0.35 10.50
CA VAL B 125 1.95 0.71 10.28
C VAL B 125 1.25 1.89 9.66
N THR B 126 1.41 3.05 10.25
CA THR B 126 0.85 4.22 9.63
C THR B 126 2.02 5.16 9.26
N GLY B 127 2.09 5.58 8.02
CA GLY B 127 3.08 6.56 7.60
C GLY B 127 2.52 7.99 7.55
N ILE B 128 3.37 8.94 7.92
CA ILE B 128 3.03 10.33 8.03
C ILE B 128 4.11 11.18 7.35
N ALA B 129 3.68 11.97 6.38
CA ALA B 129 4.57 12.80 5.58
C ALA B 129 4.96 14.03 6.37
N ALA B 130 6.15 14.56 6.15
CA ALA B 130 6.54 15.88 6.72
C ALA B 130 6.25 16.99 5.73
#